data_2ODV
#
_entry.id   2ODV
#
_cell.length_a   154.620
_cell.length_b   26.510
_cell.length_c   58.090
_cell.angle_alpha   90.00
_cell.angle_beta   90.00
_cell.angle_gamma   90.00
#
_symmetry.space_group_name_H-M   'P 21 21 2'
#
loop_
_entity.id
_entity.type
_entity.pdbx_description
1 polymer 'Plectin 1'
2 non-polymer S-1,2-PROPANEDIOL
3 water water
#
_entity_poly.entity_id   1
_entity_poly.type   'polypeptide(L)'
_entity_poly.pdbx_seq_one_letter_code
;GSHMRANELQLRWQEYRELVLLLLQWMRHHTAAFEERRFPSSFEEIEILWSQFLKFKEMELPAKEADKNRSKGIYQSLEG
AVQAGQLKVPPGYHPLDVEKEWGKLHVAILEREKQLRSEFERLEALQRIVTKLQMEAGLAEEQLNQADALLQSDVRLLAA
GKVPQRAGEVERDLDKADSMIRLLFNDVQTLKDGRHPQGEQMYRRVYRLHKRLVAIRTEYNLRLKAGVAAPATQV
;
_entity_poly.pdbx_strand_id   A
#
loop_
_chem_comp.id
_chem_comp.type
_chem_comp.name
_chem_comp.formula
PGO non-polymer S-1,2-PROPANEDIOL 'C3 H8 O2'
#
# COMPACT_ATOMS: atom_id res chain seq x y z
N GLU A 8 -8.23 43.64 -30.66
CA GLU A 8 -6.77 43.90 -30.53
C GLU A 8 -6.29 43.62 -29.10
N LEU A 9 -6.14 44.69 -28.32
CA LEU A 9 -5.96 44.63 -26.89
C LEU A 9 -7.12 43.84 -26.24
N GLN A 10 -8.36 44.17 -26.59
CA GLN A 10 -9.53 43.48 -26.06
C GLN A 10 -9.48 41.98 -26.40
N LEU A 11 -9.03 41.67 -27.61
CA LEU A 11 -8.77 40.30 -28.03
C LEU A 11 -7.80 39.62 -27.08
N ARG A 12 -6.55 40.09 -27.09
CA ARG A 12 -5.49 39.41 -26.33
C ARG A 12 -5.85 39.28 -24.83
N TRP A 13 -6.49 40.31 -24.27
CA TRP A 13 -7.03 40.27 -22.91
C TRP A 13 -8.03 39.15 -22.76
N GLN A 14 -8.97 39.06 -23.68
CA GLN A 14 -9.92 37.95 -23.70
C GLN A 14 -9.20 36.61 -23.75
N GLU A 15 -8.39 36.41 -24.78
CA GLU A 15 -7.64 35.15 -24.93
C GLU A 15 -6.84 34.84 -23.65
N TYR A 16 -6.13 35.82 -23.09
CA TYR A 16 -5.35 35.57 -21.88
C TYR A 16 -6.23 35.08 -20.72
N ARG A 17 -7.39 35.73 -20.52
CA ARG A 17 -8.25 35.38 -19.39
C ARG A 17 -8.91 34.03 -19.60
N GLU A 18 -9.47 33.80 -20.79
CA GLU A 18 -10.02 32.48 -21.09
C GLU A 18 -8.98 31.37 -20.74
N LEU A 19 -7.81 31.47 -21.31
CA LEU A 19 -6.71 30.56 -21.07
C LEU A 19 -6.32 30.30 -19.60
N VAL A 20 -6.18 31.36 -18.84
CA VAL A 20 -5.68 31.26 -17.49
C VAL A 20 -6.80 30.71 -16.60
N LEU A 21 -8.02 31.11 -16.88
CA LEU A 21 -9.16 30.53 -16.18
C LEU A 21 -9.15 29.00 -16.32
N LEU A 22 -9.00 28.50 -17.54
CA LEU A 22 -9.02 27.05 -17.75
C LEU A 22 -7.82 26.34 -17.13
N LEU A 23 -6.68 27.01 -17.15
CA LEU A 23 -5.44 26.51 -16.60
C LEU A 23 -5.55 26.39 -15.10
N LEU A 24 -6.02 27.42 -14.46
CA LEU A 24 -6.19 27.44 -13.02
C LEU A 24 -7.20 26.37 -12.59
N GLN A 25 -8.31 26.22 -13.32
CA GLN A 25 -9.30 25.18 -13.00
C GLN A 25 -8.63 23.79 -13.08
N TRP A 26 -7.92 23.56 -14.18
CA TRP A 26 -7.24 22.27 -14.39
C TRP A 26 -6.23 21.98 -13.28
N MET A 27 -5.38 22.95 -12.96
CA MET A 27 -4.31 22.75 -11.94
C MET A 27 -4.87 22.42 -10.55
N ARG A 28 -5.93 23.12 -10.18
CA ARG A 28 -6.59 22.92 -8.89
C ARG A 28 -7.26 21.58 -8.86
N HIS A 29 -7.91 21.23 -9.97
CA HIS A 29 -8.59 19.96 -10.08
C HIS A 29 -7.61 18.84 -9.87
N HIS A 30 -6.45 18.94 -10.51
CA HIS A 30 -5.48 17.85 -10.48
C HIS A 30 -4.63 17.81 -9.22
N THR A 31 -4.37 18.98 -8.66
CA THR A 31 -3.74 19.14 -7.35
C THR A 31 -4.56 18.46 -6.22
N ALA A 32 -5.87 18.65 -6.24
CA ALA A 32 -6.77 18.03 -5.26
C ALA A 32 -6.88 16.51 -5.42
N ALA A 33 -6.85 16.05 -6.68
CA ALA A 33 -6.91 14.63 -6.99
C ALA A 33 -5.69 13.88 -6.44
N PHE A 34 -4.53 14.53 -6.48
CA PHE A 34 -3.32 14.00 -5.88
C PHE A 34 -3.41 13.95 -4.36
N GLU A 35 -4.03 14.96 -3.74
CA GLU A 35 -4.26 14.93 -2.27
C GLU A 35 -5.06 13.70 -1.85
N GLU A 36 -5.76 13.11 -2.81
CA GLU A 36 -6.69 12.02 -2.59
C GLU A 36 -6.03 10.65 -2.75
N ARG A 38 -6.06 6.86 -1.72
CA ARG A 38 -6.16 5.94 -2.85
C ARG A 38 -5.06 4.87 -2.80
N PHE A 39 -5.04 4.10 -1.72
CA PHE A 39 -4.00 3.08 -1.54
C PHE A 39 -4.37 1.74 -2.19
N PRO A 40 -3.50 1.21 -3.05
CA PRO A 40 -3.75 -0.07 -3.71
C PRO A 40 -3.74 -1.27 -2.75
N SER A 41 -4.69 -2.19 -2.92
CA SER A 41 -4.58 -3.45 -2.16
C SER A 41 -3.83 -4.56 -2.89
N SER A 42 -3.53 -4.34 -4.18
CA SER A 42 -2.90 -5.36 -5.02
C SER A 42 -1.99 -4.73 -6.07
N PHE A 43 -1.12 -5.55 -6.66
CA PHE A 43 -0.32 -5.07 -7.76
C PHE A 43 -1.21 -4.66 -8.93
N GLU A 44 -2.29 -5.39 -9.17
CA GLU A 44 -3.20 -5.02 -10.23
C GLU A 44 -3.64 -3.57 -10.07
N GLU A 45 -4.03 -3.19 -8.85
CA GLU A 45 -4.45 -1.82 -8.57
C GLU A 45 -3.29 -0.83 -8.75
N ILE A 46 -2.11 -1.14 -8.20
CA ILE A 46 -1.01 -0.18 -8.33
C ILE A 46 -0.57 0.07 -9.79
N GLU A 47 -0.60 -0.98 -10.60
CA GLU A 47 -0.33 -0.86 -12.02
C GLU A 47 -1.28 0.09 -12.75
N ILE A 48 -2.56 0.09 -12.38
CA ILE A 48 -3.51 1.01 -12.98
C ILE A 48 -3.21 2.39 -12.49
N LEU A 49 -2.98 2.54 -11.18
CA LEU A 49 -2.71 3.91 -10.66
C LEU A 49 -1.47 4.46 -11.33
N TRP A 50 -0.45 3.62 -11.47
CA TRP A 50 0.83 4.08 -12.07
C TRP A 50 0.66 4.46 -13.53
N SER A 51 0.01 3.59 -14.32
CA SER A 51 -0.33 3.92 -15.69
C SER A 51 -1.06 5.28 -15.83
N GLN A 52 -2.13 5.45 -15.07
CA GLN A 52 -2.89 6.70 -14.99
C GLN A 52 -1.98 7.87 -14.63
N PHE A 53 -1.08 7.70 -13.65
CA PHE A 53 -0.13 8.71 -13.32
C PHE A 53 0.80 9.10 -14.48
N LEU A 54 1.41 8.09 -15.08
CA LEU A 54 2.28 8.35 -16.24
C LEU A 54 1.55 8.95 -17.42
N LYS A 55 0.30 8.55 -17.63
CA LYS A 55 -0.49 9.15 -18.69
C LYS A 55 -0.66 10.63 -18.43
N PHE A 56 -1.01 11.00 -17.21
CA PHE A 56 -1.08 12.41 -16.83
C PHE A 56 0.25 13.15 -17.04
N LYS A 57 1.28 12.59 -16.43
CA LYS A 57 2.58 13.23 -16.37
C LYS A 57 3.14 13.45 -17.76
N GLU A 58 2.97 12.48 -18.64
CA GLU A 58 3.65 12.49 -19.92
C GLU A 58 2.75 12.94 -21.06
N MET A 59 1.43 12.83 -20.90
CA MET A 59 0.52 13.19 -21.98
C MET A 59 -0.29 14.47 -21.74
N GLU A 60 -0.84 14.67 -20.53
CA GLU A 60 -1.68 15.85 -20.28
C GLU A 60 -0.84 17.07 -19.86
N LEU A 61 0.10 16.86 -18.95
CA LEU A 61 0.90 17.93 -18.39
C LEU A 61 1.63 18.80 -19.43
N PRO A 62 2.42 18.19 -20.34
CA PRO A 62 3.11 19.04 -21.34
C PRO A 62 2.22 19.95 -22.17
N ALA A 63 0.98 19.53 -22.41
CA ALA A 63 0.05 20.41 -23.16
C ALA A 63 -0.31 21.66 -22.33
N LYS A 64 -0.47 21.44 -21.04
CA LYS A 64 -0.83 22.52 -20.15
C LYS A 64 0.37 23.41 -19.90
N GLU A 65 1.55 22.81 -19.87
CA GLU A 65 2.78 23.58 -19.81
C GLU A 65 2.86 24.51 -21.00
N ALA A 66 2.54 24.01 -22.20
CA ALA A 66 2.48 24.90 -23.39
C ALA A 66 1.53 26.08 -23.24
N ASP A 67 0.31 25.80 -22.76
CA ASP A 67 -0.70 26.83 -22.50
C ASP A 67 -0.17 27.86 -21.49
N LYS A 68 0.49 27.37 -20.42
CA LYS A 68 1.04 28.26 -19.39
C LYS A 68 1.99 29.29 -20.04
N ASN A 69 2.89 28.77 -20.86
CA ASN A 69 3.96 29.55 -21.49
C ASN A 69 3.44 30.44 -22.59
N ARG A 70 2.39 29.98 -23.25
CA ARG A 70 1.66 30.83 -24.18
C ARG A 70 0.95 31.97 -23.47
N SER A 71 0.33 31.68 -22.32
CA SER A 71 -0.36 32.74 -21.52
C SER A 71 0.65 33.84 -21.08
N LYS A 72 1.83 33.43 -20.61
CA LYS A 72 2.94 34.36 -20.28
C LYS A 72 3.28 35.28 -21.46
N GLY A 73 3.42 34.72 -22.66
CA GLY A 73 3.66 35.47 -23.90
C GLY A 73 2.58 36.49 -24.19
N ILE A 74 1.32 36.10 -24.03
CA ILE A 74 0.19 36.99 -24.27
C ILE A 74 0.17 38.16 -23.25
N TYR A 75 0.50 37.85 -22.01
CA TYR A 75 0.51 38.84 -20.95
C TYR A 75 1.60 39.87 -21.20
N GLN A 76 2.79 39.45 -21.64
CA GLN A 76 3.84 40.45 -21.84
C GLN A 76 3.46 41.52 -22.84
N SER A 77 2.58 41.21 -23.79
CA SER A 77 2.09 42.19 -24.77
C SER A 77 1.01 43.12 -24.20
N LEU A 78 0.36 42.66 -23.14
CA LEU A 78 -0.66 43.42 -22.41
C LEU A 78 -0.05 44.30 -21.32
N GLU A 79 1.20 44.02 -20.95
CA GLU A 79 1.85 44.66 -19.79
C GLU A 79 1.82 46.19 -19.81
N GLY A 80 1.90 46.79 -21.01
CA GLY A 80 1.82 48.22 -21.16
C GLY A 80 0.46 48.77 -20.73
N ALA A 81 -0.62 48.09 -21.13
CA ALA A 81 -1.97 48.48 -20.72
C ALA A 81 -2.21 48.26 -19.24
N VAL A 82 -1.70 47.15 -18.70
CA VAL A 82 -1.78 46.84 -17.27
C VAL A 82 -1.11 47.87 -16.36
N GLN A 83 0.12 48.26 -16.72
CA GLN A 83 0.93 49.21 -15.95
C GLN A 83 0.24 50.56 -15.93
N ALA A 84 -0.23 50.97 -17.11
CA ALA A 84 -0.93 52.21 -17.34
C ALA A 84 -2.36 52.20 -16.76
N GLY A 85 -2.82 51.03 -16.32
CA GLY A 85 -4.09 50.90 -15.61
C GLY A 85 -5.32 50.73 -16.48
N GLN A 86 -5.16 50.73 -17.81
CA GLN A 86 -6.28 50.51 -18.72
C GLN A 86 -6.95 49.15 -18.54
N LEU A 87 -6.13 48.13 -18.24
CA LEU A 87 -6.59 46.79 -17.90
C LEU A 87 -6.22 46.42 -16.50
N LYS A 88 -7.20 45.95 -15.73
CA LYS A 88 -6.92 45.48 -14.38
C LYS A 88 -6.97 43.95 -14.39
N VAL A 89 -5.90 43.36 -13.86
CA VAL A 89 -5.75 41.92 -13.75
C VAL A 89 -6.48 41.42 -12.50
N PRO A 90 -7.46 40.52 -12.65
CA PRO A 90 -8.18 40.04 -11.46
C PRO A 90 -7.22 39.28 -10.51
N PRO A 91 -7.45 39.34 -9.16
CA PRO A 91 -6.58 38.60 -8.24
C PRO A 91 -6.41 37.16 -8.67
N GLY A 92 -5.18 36.68 -8.66
CA GLY A 92 -4.97 35.29 -9.04
C GLY A 92 -4.80 35.02 -10.50
N TYR A 93 -4.86 36.07 -11.33
CA TYR A 93 -4.72 35.89 -12.78
C TYR A 93 -3.41 36.35 -13.39
N HIS A 94 -2.48 36.84 -12.57
N HIS A 94 -2.49 36.81 -12.56
CA HIS A 94 -1.19 37.33 -13.03
CA HIS A 94 -1.18 37.29 -12.98
C HIS A 94 -0.28 36.13 -13.29
C HIS A 94 -0.30 36.10 -13.30
N PRO A 95 0.68 36.27 -14.22
CA PRO A 95 1.60 35.18 -14.48
C PRO A 95 2.29 34.66 -13.22
N LEU A 96 2.49 35.51 -12.19
CA LEU A 96 3.05 35.11 -10.86
C LEU A 96 2.16 34.07 -10.14
N ASP A 97 0.84 34.27 -10.24
CA ASP A 97 -0.16 33.42 -9.58
C ASP A 97 -0.30 32.09 -10.34
N VAL A 98 -0.28 32.18 -11.66
CA VAL A 98 -0.25 30.97 -12.46
C VAL A 98 0.97 30.10 -12.08
N GLU A 99 2.16 30.73 -12.03
CA GLU A 99 3.37 30.02 -11.62
C GLU A 99 3.29 29.46 -10.21
N LYS A 100 2.78 30.25 -9.28
CA LYS A 100 2.60 29.71 -7.91
C LYS A 100 1.83 28.38 -7.98
N GLU A 101 0.66 28.38 -8.62
N GLU A 101 0.65 28.40 -8.60
CA GLU A 101 -0.17 27.18 -8.66
CA GLU A 101 -0.21 27.21 -8.72
C GLU A 101 0.48 26.04 -9.44
C GLU A 101 0.49 26.05 -9.44
N TRP A 102 1.23 26.39 -10.50
CA TRP A 102 1.98 25.43 -11.32
C TRP A 102 3.05 24.73 -10.46
N GLY A 103 3.74 25.52 -9.64
CA GLY A 103 4.68 25.03 -8.65
C GLY A 103 4.05 24.07 -7.67
N LYS A 104 2.89 24.44 -7.11
CA LYS A 104 2.23 23.54 -6.15
C LYS A 104 1.83 22.20 -6.84
N LEU A 105 1.37 22.27 -8.08
CA LEU A 105 1.04 21.07 -8.85
C LEU A 105 2.29 20.20 -9.08
N HIS A 106 3.40 20.86 -9.37
CA HIS A 106 4.63 20.17 -9.67
C HIS A 106 5.06 19.39 -8.40
N VAL A 107 5.00 20.04 -7.24
CA VAL A 107 5.27 19.37 -6.01
C VAL A 107 4.32 18.20 -5.77
N ALA A 108 3.03 18.35 -6.08
CA ALA A 108 2.12 17.27 -5.84
C ALA A 108 2.41 16.04 -6.73
N ILE A 109 2.85 16.33 -7.95
CA ILE A 109 3.23 15.30 -8.92
C ILE A 109 4.43 14.51 -8.43
N LEU A 110 5.42 15.17 -7.85
CA LEU A 110 6.60 14.45 -7.41
C LEU A 110 6.27 13.59 -6.19
N GLU A 111 5.44 14.14 -5.30
CA GLU A 111 5.03 13.42 -4.09
C GLU A 111 4.24 12.17 -4.52
N ARG A 112 3.38 12.33 -5.50
CA ARG A 112 2.56 11.20 -5.90
C ARG A 112 3.42 10.09 -6.49
N GLU A 113 4.40 10.46 -7.30
CA GLU A 113 5.33 9.46 -7.86
C GLU A 113 6.12 8.74 -6.77
N LYS A 114 6.53 9.47 -5.73
CA LYS A 114 7.24 8.86 -4.63
C LYS A 114 6.31 7.91 -3.80
N GLN A 115 5.06 8.33 -3.62
CA GLN A 115 4.09 7.50 -2.88
C GLN A 115 3.80 6.23 -3.66
N LEU A 116 3.68 6.37 -4.97
CA LEU A 116 3.43 5.17 -5.79
C LEU A 116 4.59 4.18 -5.77
N ARG A 117 5.86 4.62 -5.76
N ARG A 117 5.83 4.67 -5.79
CA ARG A 117 6.96 3.65 -5.62
CA ARG A 117 6.98 3.78 -5.64
C ARG A 117 7.04 3.05 -4.23
C ARG A 117 6.88 3.07 -4.30
N SER A 118 6.72 3.86 -3.23
CA SER A 118 6.66 3.39 -1.87
C SER A 118 5.54 2.33 -1.66
N GLU A 119 4.40 2.54 -2.33
CA GLU A 119 3.33 1.56 -2.28
C GLU A 119 3.71 0.25 -2.99
N PHE A 120 4.42 0.36 -4.11
CA PHE A 120 4.87 -0.80 -4.81
C PHE A 120 5.86 -1.61 -3.90
N GLU A 121 6.79 -0.94 -3.21
CA GLU A 121 7.72 -1.58 -2.30
C GLU A 121 7.00 -2.20 -1.12
N ARG A 122 5.90 -1.57 -0.63
CA ARG A 122 5.15 -2.16 0.50
C ARG A 122 4.50 -3.47 0.02
N LEU A 123 3.92 -3.46 -1.16
CA LEU A 123 3.31 -4.63 -1.77
C LEU A 123 4.32 -5.76 -1.96
N GLU A 124 5.51 -5.46 -2.47
CA GLU A 124 6.61 -6.44 -2.49
C GLU A 124 6.97 -7.01 -1.09
N ALA A 125 7.06 -6.12 -0.08
CA ALA A 125 7.34 -6.52 1.30
C ALA A 125 6.26 -7.45 1.83
N LEU A 126 5.00 -7.08 1.69
CA LEU A 126 3.88 -7.94 2.12
C LEU A 126 3.99 -9.32 1.48
N GLN A 127 4.35 -9.35 0.20
CA GLN A 127 4.54 -10.63 -0.51
C GLN A 127 5.62 -11.53 0.03
N ARG A 128 6.75 -10.93 0.43
N ARG A 128 6.75 -10.95 0.46
CA ARG A 128 7.80 -11.68 1.09
CA ARG A 128 7.82 -11.73 1.10
C ARG A 128 7.18 -12.37 2.32
C ARG A 128 7.33 -12.34 2.44
N ILE A 129 6.49 -11.59 3.15
CA ILE A 129 5.90 -12.08 4.43
C ILE A 129 4.88 -13.19 4.19
N VAL A 130 4.07 -13.04 3.14
CA VAL A 130 3.11 -14.05 2.82
C VAL A 130 3.83 -15.40 2.45
N THR A 131 4.91 -15.32 1.66
CA THR A 131 5.68 -16.50 1.31
C THR A 131 6.27 -17.14 2.55
N LYS A 132 6.94 -16.35 3.38
CA LYS A 132 7.51 -16.85 4.59
C LYS A 132 6.43 -17.52 5.50
N LEU A 133 5.29 -16.86 5.66
CA LEU A 133 4.21 -17.39 6.52
C LEU A 133 3.71 -18.75 6.00
N GLN A 134 3.51 -18.86 4.68
CA GLN A 134 3.05 -20.10 4.09
C GLN A 134 4.11 -21.20 4.29
N MET A 135 5.37 -20.88 4.12
CA MET A 135 6.44 -21.89 4.38
C MET A 135 6.47 -22.36 5.82
N GLU A 136 6.44 -21.42 6.75
CA GLU A 136 6.40 -21.72 8.18
C GLU A 136 5.13 -22.47 8.57
N ALA A 137 3.97 -22.10 8.04
CA ALA A 137 2.73 -22.81 8.36
C ALA A 137 2.85 -24.32 7.98
N GLY A 138 3.53 -24.63 6.89
CA GLY A 138 3.70 -26.03 6.43
C GLY A 138 4.53 -26.73 7.51
N LEU A 139 5.61 -26.09 7.95
CA LEU A 139 6.48 -26.70 8.97
C LEU A 139 5.75 -26.87 10.29
N ALA A 140 4.92 -25.88 10.67
CA ALA A 140 4.18 -25.96 11.95
C ALA A 140 3.20 -27.13 11.87
N GLU A 141 2.53 -27.24 10.72
CA GLU A 141 1.69 -28.38 10.45
C GLU A 141 2.41 -29.74 10.59
N GLU A 142 3.55 -29.88 9.91
CA GLU A 142 4.31 -31.11 9.98
C GLU A 142 4.71 -31.39 11.44
N GLN A 143 5.00 -30.33 12.20
CA GLN A 143 5.40 -30.50 13.59
C GLN A 143 4.23 -31.03 14.45
N LEU A 144 3.03 -30.54 14.18
CA LEU A 144 1.82 -31.06 14.85
C LEU A 144 1.51 -32.50 14.44
N ASN A 145 1.72 -32.81 13.16
CA ASN A 145 1.59 -34.17 12.67
C ASN A 145 2.55 -35.14 13.34
N GLN A 146 3.81 -34.75 13.50
CA GLN A 146 4.82 -35.61 14.16
C GLN A 146 4.49 -35.77 15.66
N ALA A 147 3.99 -34.72 16.29
CA ALA A 147 3.62 -34.76 17.71
C ALA A 147 2.42 -35.69 17.86
N ASP A 148 1.44 -35.54 16.99
CA ASP A 148 0.26 -36.39 17.06
C ASP A 148 0.58 -37.87 16.75
N ALA A 149 1.41 -38.10 15.73
CA ALA A 149 1.84 -39.45 15.41
C ALA A 149 2.56 -40.11 16.58
N LEU A 150 3.48 -39.42 17.27
CA LEU A 150 4.14 -40.03 18.46
C LEU A 150 3.13 -40.35 19.55
N LEU A 151 2.22 -39.42 19.81
CA LEU A 151 1.18 -39.59 20.81
C LEU A 151 0.35 -40.87 20.60
N GLN A 152 -0.13 -41.10 19.38
CA GLN A 152 -0.91 -42.29 19.05
C GLN A 152 -0.11 -43.60 19.17
N SER A 153 1.19 -43.56 18.83
CA SER A 153 2.06 -44.70 19.05
C SER A 153 2.29 -44.97 20.55
N ASP A 154 2.34 -43.91 21.36
CA ASP A 154 2.42 -44.08 22.83
C ASP A 154 1.12 -44.62 23.44
N VAL A 155 0.00 -44.03 23.03
CA VAL A 155 -1.34 -44.51 23.32
C VAL A 155 -1.49 -45.99 22.95
N ARG A 156 -0.95 -46.37 21.80
CA ARG A 156 -0.92 -47.75 21.31
C ARG A 156 -0.07 -48.66 22.21
N LEU A 157 1.05 -48.13 22.71
CA LEU A 157 1.82 -48.85 23.72
C LEU A 157 1.03 -48.94 25.02
N LEU A 158 0.24 -47.91 25.33
CA LEU A 158 -0.66 -47.91 26.52
C LEU A 158 -1.90 -48.78 26.32
N ALA A 159 -2.04 -49.34 25.12
CA ALA A 159 -3.05 -50.37 24.87
C ALA A 159 -2.47 -51.74 25.21
N ALA A 160 -1.24 -51.99 24.76
CA ALA A 160 -0.54 -53.26 25.06
C ALA A 160 0.08 -53.31 26.47
N GLY A 161 -0.33 -52.40 27.35
CA GLY A 161 0.12 -52.41 28.75
C GLY A 161 1.61 -52.12 28.87
N LYS A 162 2.14 -51.43 27.86
CA LYS A 162 3.54 -51.01 27.80
C LYS A 162 3.62 -49.52 28.09
N VAL A 163 4.77 -49.10 28.62
CA VAL A 163 5.03 -47.72 29.06
C VAL A 163 5.40 -46.85 27.87
N PRO A 164 4.99 -45.56 27.88
CA PRO A 164 5.36 -44.62 26.83
C PRO A 164 6.87 -44.41 26.74
N GLN A 165 7.39 -44.22 25.54
CA GLN A 165 8.82 -43.98 25.36
C GLN A 165 9.13 -42.54 24.91
N ARG A 166 8.18 -41.90 24.24
CA ARG A 166 8.46 -40.60 23.60
C ARG A 166 7.74 -39.43 24.29
N ALA A 167 7.28 -39.66 25.52
CA ALA A 167 6.66 -38.55 26.26
C ALA A 167 7.50 -37.26 26.21
N GLY A 168 8.79 -37.35 26.58
CA GLY A 168 9.68 -36.17 26.53
C GLY A 168 9.71 -35.51 25.18
N GLU A 169 9.78 -36.34 24.15
CA GLU A 169 9.80 -35.85 22.78
C GLU A 169 8.51 -35.18 22.33
N VAL A 170 7.36 -35.75 22.71
CA VAL A 170 6.08 -35.14 22.34
C VAL A 170 6.03 -33.74 22.93
N GLU A 171 6.55 -33.59 24.17
CA GLU A 171 6.52 -32.30 24.85
C GLU A 171 7.34 -31.27 24.06
N ARG A 172 8.53 -31.68 23.64
CA ARG A 172 9.39 -30.81 22.86
C ARG A 172 8.72 -30.41 21.54
N ASP A 173 8.08 -31.37 20.87
CA ASP A 173 7.49 -31.12 19.57
C ASP A 173 6.40 -30.07 19.66
N LEU A 174 5.62 -30.15 20.73
CA LEU A 174 4.56 -29.23 21.03
C LEU A 174 5.06 -27.85 21.39
N ASP A 175 6.13 -27.78 22.15
CA ASP A 175 6.77 -26.52 22.45
C ASP A 175 7.32 -25.85 21.17
N LYS A 176 7.91 -26.63 20.27
CA LYS A 176 8.28 -26.15 18.95
C LYS A 176 7.08 -25.66 18.15
N ALA A 177 6.01 -26.48 18.03
CA ALA A 177 4.90 -26.00 17.23
C ALA A 177 4.39 -24.73 17.88
N ASP A 178 4.37 -24.68 19.20
CA ASP A 178 3.88 -23.45 19.86
C ASP A 178 4.73 -22.24 19.42
N SER A 179 6.06 -22.40 19.46
CA SER A 179 6.94 -21.32 19.06
C SER A 179 6.70 -20.89 17.64
N MET A 180 6.55 -21.85 16.73
CA MET A 180 6.29 -21.55 15.32
C MET A 180 4.93 -20.88 15.12
N ILE A 181 3.88 -21.38 15.79
CA ILE A 181 2.58 -20.73 15.67
C ILE A 181 2.60 -19.27 16.16
N ARG A 182 3.33 -19.02 17.24
CA ARG A 182 3.52 -17.65 17.69
C ARG A 182 4.23 -16.82 16.61
N LEU A 183 5.24 -17.35 15.93
CA LEU A 183 5.87 -16.58 14.80
C LEU A 183 4.84 -16.30 13.71
N LEU A 184 3.95 -17.27 13.45
CA LEU A 184 2.93 -17.11 12.47
C LEU A 184 1.91 -16.00 12.80
N PHE A 185 1.46 -15.94 14.04
CA PHE A 185 0.51 -14.89 14.43
C PHE A 185 1.19 -13.50 14.28
N ASN A 186 2.49 -13.41 14.57
N ASN A 186 2.49 -13.45 14.59
CA ASN A 186 3.21 -12.16 14.35
CA ASN A 186 3.34 -12.27 14.36
C ASN A 186 3.36 -11.79 12.86
C ASN A 186 3.37 -11.82 12.90
N ASP A 187 3.59 -12.77 11.99
CA ASP A 187 3.54 -12.51 10.54
C ASP A 187 2.17 -11.98 10.10
N VAL A 188 1.13 -12.66 10.56
CA VAL A 188 -0.23 -12.22 10.33
C VAL A 188 -0.47 -10.77 10.83
N GLN A 189 -0.01 -10.43 12.04
N GLN A 189 0.02 -10.48 12.04
CA GLN A 189 -0.25 -9.06 12.49
CA GLN A 189 -0.07 -9.14 12.61
C GLN A 189 0.54 -8.05 11.62
C GLN A 189 0.55 -8.11 11.66
N THR A 190 1.73 -8.46 11.16
CA THR A 190 2.50 -7.65 10.21
C THR A 190 1.73 -7.47 8.92
N LEU A 191 1.16 -8.56 8.41
CA LEU A 191 0.25 -8.41 7.23
C LEU A 191 -0.87 -7.44 7.51
N LYS A 192 -1.59 -7.62 8.63
CA LYS A 192 -2.74 -6.74 8.93
C LYS A 192 -2.35 -5.25 9.02
N ASP A 193 -1.23 -4.99 9.71
CA ASP A 193 -0.67 -3.63 9.85
C ASP A 193 -0.39 -3.00 8.52
N GLY A 194 0.11 -3.83 7.62
CA GLY A 194 0.37 -3.49 6.24
C GLY A 194 -0.89 -3.50 5.38
N ARG A 195 -2.04 -3.79 5.97
CA ARG A 195 -3.30 -3.80 5.22
C ARG A 195 -3.26 -4.73 4.01
N HIS A 196 -2.69 -5.91 4.18
CA HIS A 196 -2.80 -6.94 3.16
C HIS A 196 -4.29 -7.33 3.13
N PRO A 197 -4.92 -7.39 1.92
CA PRO A 197 -6.38 -7.63 1.85
C PRO A 197 -6.90 -8.97 2.45
N GLN A 198 -6.05 -9.99 2.54
CA GLN A 198 -6.45 -11.27 3.18
C GLN A 198 -5.88 -11.47 4.59
N GLY A 199 -5.34 -10.41 5.17
CA GLY A 199 -4.78 -10.48 6.55
C GLY A 199 -5.70 -11.30 7.45
N GLU A 200 -6.98 -10.98 7.45
CA GLU A 200 -7.95 -11.63 8.31
C GLU A 200 -8.09 -13.13 8.01
N GLN A 201 -8.24 -13.49 6.71
CA GLN A 201 -8.28 -14.90 6.31
C GLN A 201 -7.10 -15.73 6.80
N MET A 202 -5.90 -15.15 6.71
CA MET A 202 -4.67 -15.79 7.20
C MET A 202 -4.65 -15.94 8.71
N TYR A 203 -5.21 -14.97 9.43
CA TYR A 203 -5.35 -15.06 10.89
C TYR A 203 -6.14 -16.33 11.23
N ARG A 204 -7.31 -16.49 10.60
CA ARG A 204 -8.15 -17.67 10.86
C ARG A 204 -7.43 -18.99 10.60
N ARG A 205 -6.66 -19.10 9.53
CA ARG A 205 -5.85 -20.29 9.32
C ARG A 205 -4.81 -20.57 10.38
N VAL A 206 -4.14 -19.54 10.84
CA VAL A 206 -3.19 -19.73 11.88
C VAL A 206 -3.94 -20.08 13.18
N TYR A 207 -5.07 -19.43 13.42
CA TYR A 207 -5.87 -19.70 14.63
C TYR A 207 -6.22 -21.20 14.66
N ARG A 208 -6.52 -21.76 13.48
CA ARG A 208 -6.78 -23.17 13.34
C ARG A 208 -5.67 -24.09 13.76
N LEU A 209 -4.43 -23.77 13.39
CA LEU A 209 -3.29 -24.57 13.79
C LEU A 209 -3.14 -24.48 15.29
N HIS A 210 -3.34 -23.27 15.84
CA HIS A 210 -3.34 -23.07 17.28
C HIS A 210 -4.39 -23.98 17.97
N LYS A 211 -5.60 -24.02 17.40
CA LYS A 211 -6.62 -24.94 17.93
C LYS A 211 -6.13 -26.39 17.96
N ARG A 212 -5.53 -26.83 16.87
CA ARG A 212 -4.94 -28.12 16.79
C ARG A 212 -3.86 -28.34 17.83
N LEU A 213 -3.01 -27.36 18.01
CA LEU A 213 -2.01 -27.41 19.05
C LEU A 213 -2.64 -27.63 20.45
N VAL A 214 -3.65 -26.84 20.78
CA VAL A 214 -4.28 -26.96 22.13
C VAL A 214 -4.88 -28.38 22.29
N ALA A 215 -5.58 -28.87 21.26
CA ALA A 215 -6.16 -30.21 21.28
C ALA A 215 -5.11 -31.29 21.55
N ILE A 216 -3.99 -31.21 20.84
CA ILE A 216 -2.91 -32.19 21.02
C ILE A 216 -2.26 -32.08 22.39
N ARG A 217 -2.04 -30.85 22.87
CA ARG A 217 -1.40 -30.65 24.18
C ARG A 217 -2.35 -31.11 25.32
N THR A 218 -3.66 -30.88 25.17
CA THR A 218 -4.65 -31.38 26.15
C THR A 218 -4.58 -32.90 26.24
N GLU A 219 -4.61 -33.57 25.09
CA GLU A 219 -4.57 -35.04 25.05
C GLU A 219 -3.32 -35.58 25.72
N TYR A 220 -2.23 -34.88 25.44
CA TYR A 220 -0.92 -35.25 25.94
C TYR A 220 -0.95 -35.12 27.46
N ASN A 221 -1.50 -34.01 27.95
CA ASN A 221 -1.58 -33.76 29.40
C ASN A 221 -2.44 -34.80 30.11
N LEU A 222 -3.47 -35.28 29.40
CA LEU A 222 -4.38 -36.31 29.92
C LEU A 222 -3.75 -37.69 30.01
N ARG A 223 -2.98 -38.05 28.97
CA ARG A 223 -2.50 -39.41 28.73
C ARG A 223 -1.09 -39.68 29.22
N LEU A 224 -0.21 -38.69 29.10
CA LEU A 224 1.23 -38.87 29.39
C LEU A 224 1.74 -38.00 30.56
N LYS A 225 0.95 -37.04 31.01
CA LYS A 225 1.32 -36.17 32.13
C LYS A 225 0.20 -36.10 33.15
C1 PGO B . 10.87 -19.58 7.29
C2 PGO B . 11.70 -20.27 6.29
C3 PGO B . 10.98 -20.35 4.99
O1 PGO B . 11.57 -18.45 7.66
O2 PGO B . 11.96 -21.55 6.76
#